data_9AZU
#
_entry.id   9AZU
#
_cell.length_a   44.767
_cell.length_b   70.573
_cell.length_c   105.192
_cell.angle_alpha   90.000
_cell.angle_beta   90.000
_cell.angle_gamma   90.000
#
_symmetry.space_group_name_H-M   'P 21 21 21'
#
loop_
_entity.id
_entity.type
_entity.pdbx_description
1 polymer Beta-lactamase
2 non-polymer '(3~{R})-3-[2-[4-(2-azanylethylamino)cyclohexyl]ethanoylamino]-2-oxidanyl-3,4-dihydro-1,2-benzoxaborinine-8-carboxylic acid'
3 water water
#
_entity_poly.entity_id   1
_entity_poly.type   'polypeptide(L)'
_entity_poly.pdbx_seq_one_letter_code
;MRDTRFPCLCGIAASTLLFATTPAIAGEAPADRLKALVDAAVQPVMKANDIPGLAVAISLKGEPHYFSYGLASKEDGRRV
TPETLFEIGSVSKTFTATLAGYALAQDKMRLDDRASQHWPALQGSRFDGISLLDLATYTAGGLPLQFPDSVQKDQAQIRD
YYRQWQPTYAPGSQRLYSNPSIGLFGYLAARSLGQPFERLMEQQVFPALGLEQTHLDVPEAALAQYAQGYGKDDRPLRVG
PGPLDAEGYGVKTSAADLLRFVDANLHPERLDRPWAQALDATHRGYYKVGDMTQGLGWEAYDWPISLKRLQAGNSTPMAL
QPHRIARLPAPQALEGQRLLNKTGSTNGFGAYVAFVPGRDLGLVILANRNYPNAERVKIAYAILSGLEQQGKVPLKR
;
_entity_poly.pdbx_strand_id   A
#
loop_
_chem_comp.id
_chem_comp.type
_chem_comp.name
_chem_comp.formula
KJK non-polymer '(3~{R})-3-[2-[4-(2-azanylethylamino)cyclohexyl]ethanoylamino]-2-oxidanyl-3,4-dihydro-1,2-benzoxaborinine-8-carboxylic acid' 'C19 H28 B N3 O5'
#
# COMPACT_ATOMS: atom_id res chain seq x y z
N ALA A 29 -15.61 29.46 -10.03
CA ALA A 29 -16.24 29.08 -8.73
C ALA A 29 -15.92 27.61 -8.39
N PRO A 30 -16.09 26.62 -9.31
CA PRO A 30 -15.80 25.22 -9.00
C PRO A 30 -14.35 24.91 -8.63
N ALA A 31 -13.38 25.52 -9.34
CA ALA A 31 -11.95 25.52 -8.94
C ALA A 31 -11.84 26.07 -7.52
N ASP A 32 -12.47 27.22 -7.24
CA ASP A 32 -12.38 27.90 -5.92
C ASP A 32 -13.04 27.03 -4.86
N ARG A 33 -14.22 26.48 -5.16
CA ARG A 33 -14.97 25.57 -4.25
C ARG A 33 -14.05 24.39 -3.89
N LEU A 34 -13.43 23.79 -4.91
CA LEU A 34 -12.63 22.55 -4.75
C LEU A 34 -11.35 22.87 -3.97
N LYS A 35 -10.70 23.99 -4.30
CA LYS A 35 -9.51 24.46 -3.55
C LYS A 35 -9.97 24.79 -2.14
N ALA A 36 -11.14 25.43 -1.93
CA ALA A 36 -11.63 25.77 -0.57
C ALA A 36 -11.82 24.47 0.25
N LEU A 37 -12.43 23.46 -0.35
CA LEU A 37 -12.76 22.17 0.31
C LEU A 37 -11.47 21.50 0.76
N VAL A 38 -10.48 21.44 -0.15
CA VAL A 38 -9.25 20.68 0.12
C VAL A 38 -8.40 21.47 1.13
N ASP A 39 -8.32 22.80 0.98
CA ASP A 39 -7.61 23.68 1.93
C ASP A 39 -8.18 23.50 3.34
N ALA A 40 -9.50 23.50 3.47
CA ALA A 40 -10.22 23.41 4.76
C ALA A 40 -9.91 22.04 5.39
N ALA A 41 -9.68 21.01 4.57
CA ALA A 41 -9.40 19.66 5.08
C ALA A 41 -7.93 19.57 5.48
N VAL A 42 -7.05 20.08 4.61
CA VAL A 42 -5.59 19.87 4.75
C VAL A 42 -4.99 20.83 5.77
N GLN A 43 -5.24 22.12 5.63
CA GLN A 43 -4.40 23.14 6.32
C GLN A 43 -4.40 22.91 7.84
N PRO A 44 -5.54 22.74 8.52
CA PRO A 44 -5.52 22.50 9.97
C PRO A 44 -4.76 21.24 10.37
N VAL A 45 -4.88 20.16 9.59
CA VAL A 45 -4.17 18.90 9.91
C VAL A 45 -2.65 19.07 9.72
N MET A 46 -2.23 19.80 8.69
CA MET A 46 -0.79 20.13 8.52
C MET A 46 -0.28 20.95 9.72
N LYS A 47 -1.03 21.94 10.18
CA LYS A 47 -0.56 22.75 11.34
C LYS A 47 -0.53 21.88 12.58
N ALA A 48 -1.61 21.13 12.85
CA ALA A 48 -1.75 20.29 14.08
C ALA A 48 -0.69 19.18 14.13
N ASN A 49 -0.21 18.66 12.99
CA ASN A 49 0.77 17.54 13.01
C ASN A 49 2.15 18.06 12.57
N ASP A 50 2.32 19.38 12.41
CA ASP A 50 3.61 20.02 12.00
C ASP A 50 4.15 19.26 10.79
N ILE A 51 3.33 19.12 9.77
CA ILE A 51 3.72 18.46 8.50
C ILE A 51 4.39 19.50 7.62
N PRO A 52 5.68 19.30 7.26
CA PRO A 52 6.35 20.27 6.40
C PRO A 52 5.75 20.40 5.00
N GLY A 53 5.49 19.26 4.35
CA GLY A 53 4.89 19.27 3.02
C GLY A 53 3.90 18.15 2.80
N LEU A 54 2.92 18.43 1.97
CA LEU A 54 1.85 17.47 1.70
C LEU A 54 1.36 17.70 0.30
N ALA A 55 1.15 16.59 -0.43
CA ALA A 55 0.61 16.64 -1.79
C ALA A 55 -0.69 15.84 -1.80
N VAL A 56 -1.73 16.46 -2.36
CA VAL A 56 -3.04 15.83 -2.58
C VAL A 56 -3.25 15.67 -4.09
N ALA A 57 -3.79 14.52 -4.48
CA ALA A 57 -4.31 14.33 -5.85
C ALA A 57 -5.68 13.68 -5.77
N ILE A 58 -6.64 14.22 -6.51
CA ILE A 58 -8.03 13.74 -6.59
C ILE A 58 -8.37 13.40 -8.04
N SER A 59 -8.96 12.23 -8.24
CA SER A 59 -9.62 11.84 -9.51
C SER A 59 -11.13 11.96 -9.31
N LEU A 60 -11.79 12.85 -10.07
CA LEU A 60 -13.22 13.24 -9.94
C LEU A 60 -13.83 13.12 -11.34
N LYS A 61 -14.67 12.11 -11.57
CA LYS A 61 -15.41 11.97 -12.85
C LYS A 61 -14.42 11.89 -14.02
N GLY A 62 -13.25 11.26 -13.82
CA GLY A 62 -12.22 11.07 -14.84
C GLY A 62 -11.35 12.29 -15.08
N GLU A 63 -11.35 13.26 -14.16
CA GLU A 63 -10.46 14.45 -14.23
C GLU A 63 -9.55 14.49 -13.02
N PRO A 64 -8.24 14.72 -13.24
CA PRO A 64 -7.28 14.84 -12.15
C PRO A 64 -7.24 16.28 -11.63
N HIS A 65 -7.01 16.39 -10.33
CA HIS A 65 -6.87 17.67 -9.62
C HIS A 65 -5.74 17.54 -8.62
N TYR A 66 -4.83 18.50 -8.58
CA TYR A 66 -3.65 18.42 -7.68
C TYR A 66 -3.62 19.63 -6.76
N PHE A 67 -3.27 19.40 -5.50
CA PHE A 67 -3.14 20.46 -4.49
C PHE A 67 -1.85 20.18 -3.76
N SER A 68 -0.96 21.17 -3.73
CA SER A 68 0.39 20.98 -3.18
C SER A 68 0.59 21.99 -2.09
N TYR A 69 1.17 21.57 -0.99
CA TYR A 69 1.32 22.42 0.23
C TYR A 69 2.73 22.31 0.76
N GLY A 70 3.29 23.44 1.16
CA GLY A 70 4.50 23.42 1.98
C GLY A 70 5.72 22.95 1.21
N LEU A 71 6.64 22.34 1.96
CA LEU A 71 8.05 22.18 1.61
C LEU A 71 8.39 20.69 1.52
N ALA A 72 9.06 20.33 0.43
CA ALA A 72 9.65 19.00 0.26
C ALA A 72 10.90 18.90 1.12
N SER A 73 11.62 20.00 1.29
CA SER A 73 12.81 20.05 2.18
C SER A 73 12.82 21.43 2.85
N LYS A 74 12.86 21.42 4.15
CA LYS A 74 12.85 22.67 4.93
C LYS A 74 14.18 23.40 4.70
N GLU A 75 15.24 22.64 4.55
CA GLU A 75 16.62 23.19 4.59
C GLU A 75 16.88 24.07 3.36
N ASP A 76 16.41 23.66 2.19
CA ASP A 76 16.64 24.45 0.95
C ASP A 76 15.34 25.13 0.48
N GLY A 77 14.24 24.99 1.23
CA GLY A 77 12.91 25.52 0.86
C GLY A 77 12.40 25.08 -0.52
N ARG A 78 12.80 23.94 -1.06
CA ARG A 78 12.11 23.34 -2.25
C ARG A 78 10.62 23.10 -1.92
N ARG A 79 9.71 23.55 -2.79
CA ARG A 79 8.26 23.37 -2.54
C ARG A 79 7.80 21.97 -3.00
N VAL A 80 6.81 21.40 -2.31
CA VAL A 80 6.02 20.24 -2.83
C VAL A 80 5.34 20.62 -4.14
N THR A 81 5.39 19.72 -5.12
CA THR A 81 4.61 19.78 -6.39
C THR A 81 3.99 18.41 -6.57
N PRO A 82 3.11 18.22 -7.56
CA PRO A 82 2.59 16.89 -7.91
C PRO A 82 3.63 15.90 -8.46
N GLU A 83 4.88 16.33 -8.68
CA GLU A 83 6.00 15.49 -9.16
CA GLU A 83 5.98 15.45 -9.15
C GLU A 83 6.99 15.18 -8.02
N THR A 84 6.81 15.78 -6.84
CA THR A 84 7.67 15.50 -5.69
C THR A 84 7.54 14.00 -5.40
N LEU A 85 8.66 13.32 -5.13
CA LEU A 85 8.66 11.90 -4.69
C LEU A 85 8.53 11.83 -3.18
N PHE A 86 7.62 10.98 -2.73
CA PHE A 86 7.41 10.66 -1.31
C PHE A 86 7.58 9.16 -1.14
N GLU A 87 8.07 8.75 0.00
CA GLU A 87 7.94 7.36 0.45
C GLU A 87 6.48 7.06 0.74
N ILE A 88 5.91 5.97 0.22
CA ILE A 88 4.50 5.60 0.52
C ILE A 88 4.39 4.40 1.48
N GLY A 89 5.52 3.87 1.94
CA GLY A 89 5.59 2.77 2.91
C GLY A 89 4.69 1.61 2.48
N SER A 90 3.73 1.24 3.33
CA SER A 90 2.93 0.00 3.13
C SER A 90 1.90 0.18 2.03
N VAL A 91 1.72 1.39 1.46
CA VAL A 91 0.89 1.47 0.22
C VAL A 91 1.60 0.62 -0.85
N SER A 92 2.90 0.37 -0.68
CA SER A 92 3.70 -0.46 -1.62
C SER A 92 3.06 -1.86 -1.73
N LYS A 93 2.38 -2.29 -0.70
CA LYS A 93 1.77 -3.65 -0.67
CA LYS A 93 1.75 -3.64 -0.64
C LYS A 93 0.69 -3.76 -1.75
N THR A 94 0.10 -2.65 -2.17
CA THR A 94 -0.94 -2.68 -3.25
C THR A 94 -0.22 -2.93 -4.59
N PHE A 95 0.99 -2.40 -4.77
CA PHE A 95 1.83 -2.70 -5.95
C PHE A 95 2.20 -4.19 -5.92
N THR A 96 2.71 -4.67 -4.78
CA THR A 96 3.07 -6.09 -4.57
C THR A 96 1.89 -6.98 -4.93
N ALA A 97 0.70 -6.66 -4.43
CA ALA A 97 -0.52 -7.42 -4.77
C ALA A 97 -0.77 -7.42 -6.27
N THR A 98 -0.51 -6.30 -6.95
CA THR A 98 -0.73 -6.19 -8.41
C THR A 98 0.23 -7.12 -9.16
N LEU A 99 1.49 -7.21 -8.75
CA LEU A 99 2.45 -8.18 -9.36
CA LEU A 99 2.47 -8.18 -9.32
C LEU A 99 1.93 -9.60 -9.09
N ALA A 100 1.42 -9.87 -7.88
CA ALA A 100 0.87 -11.23 -7.59
C ALA A 100 -0.36 -11.49 -8.48
N GLY A 101 -1.24 -10.49 -8.66
CA GLY A 101 -2.40 -10.53 -9.57
C GLY A 101 -2.00 -10.92 -10.97
N TYR A 102 -0.83 -10.46 -11.40
CA TYR A 102 -0.27 -10.73 -12.76
C TYR A 102 0.18 -12.20 -12.82
N ALA A 103 0.90 -12.68 -11.81
CA ALA A 103 1.27 -14.12 -11.69
C ALA A 103 0.00 -14.98 -11.70
N LEU A 104 -1.04 -14.60 -10.93
CA LEU A 104 -2.33 -15.32 -10.98
C LEU A 104 -2.93 -15.29 -12.38
N ALA A 105 -3.01 -14.12 -13.01
CA ALA A 105 -3.60 -13.95 -14.36
C ALA A 105 -2.88 -14.84 -15.37
N GLN A 106 -1.59 -15.07 -15.21
CA GLN A 106 -0.79 -15.88 -16.17
C GLN A 106 -0.75 -17.37 -15.75
N ASP A 107 -1.53 -17.78 -14.74
CA ASP A 107 -1.59 -19.17 -14.22
C ASP A 107 -0.21 -19.65 -13.78
N LYS A 108 0.63 -18.79 -13.22
CA LYS A 108 1.95 -19.23 -12.71
C LYS A 108 1.84 -19.65 -11.24
N MET A 109 0.74 -19.32 -10.59
CA MET A 109 0.52 -19.64 -9.17
C MET A 109 -0.97 -19.57 -8.94
N ARG A 110 -1.43 -20.13 -7.83
CA ARG A 110 -2.84 -20.04 -7.40
C ARG A 110 -2.83 -19.70 -5.92
N LEU A 111 -3.84 -18.97 -5.47
CA LEU A 111 -3.87 -18.48 -4.06
C LEU A 111 -3.90 -19.69 -3.09
N ASP A 112 -4.47 -20.83 -3.46
CA ASP A 112 -4.46 -21.99 -2.52
C ASP A 112 -3.20 -22.84 -2.68
N ASP A 113 -2.22 -22.42 -3.49
CA ASP A 113 -0.92 -23.12 -3.53
C ASP A 113 -0.28 -23.07 -2.15
N ARG A 114 0.39 -24.16 -1.76
CA ARG A 114 1.26 -24.16 -0.56
C ARG A 114 2.49 -23.28 -0.85
N ALA A 115 2.88 -22.42 0.10
CA ALA A 115 3.97 -21.42 -0.08
C ALA A 115 5.26 -22.09 -0.57
N SER A 116 5.66 -23.20 0.03
CA SER A 116 6.94 -23.85 -0.26
C SER A 116 6.97 -24.40 -1.70
N GLN A 117 5.84 -24.50 -2.41
CA GLN A 117 5.89 -24.98 -3.83
C GLN A 117 6.71 -24.01 -4.68
N HIS A 118 6.85 -22.77 -4.25
CA HIS A 118 7.41 -21.67 -5.07
C HIS A 118 8.82 -21.29 -4.60
N TRP A 119 9.36 -22.02 -3.62
CA TRP A 119 10.73 -21.78 -3.10
C TRP A 119 11.24 -23.04 -2.44
N PRO A 120 12.12 -23.83 -3.12
CA PRO A 120 12.63 -25.09 -2.55
C PRO A 120 13.29 -24.99 -1.18
N ALA A 121 13.93 -23.87 -0.89
CA ALA A 121 14.65 -23.67 0.38
C ALA A 121 13.63 -23.72 1.52
N LEU A 122 12.34 -23.47 1.25
CA LEU A 122 11.31 -23.56 2.31
C LEU A 122 10.72 -24.97 2.42
N GLN A 123 11.00 -25.87 1.48
CA GLN A 123 10.40 -27.24 1.55
C GLN A 123 10.89 -27.93 2.82
N GLY A 124 10.01 -28.64 3.51
CA GLY A 124 10.28 -29.20 4.84
C GLY A 124 10.05 -28.21 5.97
N SER A 125 9.75 -26.92 5.70
CA SER A 125 9.50 -25.92 6.78
C SER A 125 8.01 -25.92 7.07
N ARG A 126 7.56 -25.10 8.01
CA ARG A 126 6.11 -24.93 8.30
C ARG A 126 5.40 -24.29 7.09
N PHE A 127 6.14 -23.76 6.10
CA PHE A 127 5.53 -23.11 4.89
C PHE A 127 5.00 -24.17 3.92
N ASP A 128 5.25 -25.44 4.21
CA ASP A 128 4.58 -26.57 3.51
C ASP A 128 3.06 -26.54 3.81
N GLY A 129 2.65 -25.91 4.92
CA GLY A 129 1.28 -25.98 5.44
C GLY A 129 0.56 -24.64 5.38
N ILE A 130 1.14 -23.69 4.67
CA ILE A 130 0.64 -22.29 4.60
C ILE A 130 0.39 -21.95 3.14
N SER A 131 -0.79 -21.44 2.83
CA SER A 131 -1.18 -21.03 1.46
C SER A 131 -0.61 -19.64 1.14
N LEU A 132 -0.48 -19.33 -0.14
CA LEU A 132 -0.18 -17.96 -0.64
C LEU A 132 -1.25 -16.97 -0.12
N LEU A 133 -2.54 -17.34 -0.18
CA LEU A 133 -3.63 -16.48 0.34
C LEU A 133 -3.37 -16.07 1.81
N ASP A 134 -3.03 -17.03 2.66
CA ASP A 134 -2.67 -16.81 4.08
C ASP A 134 -1.57 -15.76 4.17
N LEU A 135 -0.48 -15.91 3.40
CA LEU A 135 0.59 -14.88 3.51
C LEU A 135 0.04 -13.52 3.04
N ALA A 136 -0.70 -13.51 1.94
CA ALA A 136 -1.15 -12.25 1.29
C ALA A 136 -2.02 -11.46 2.27
N THR A 137 -2.79 -12.17 3.07
CA THR A 137 -3.86 -11.58 3.95
C THR A 137 -3.48 -11.67 5.42
N TYR A 138 -2.23 -11.93 5.74
CA TYR A 138 -1.65 -11.84 7.10
C TYR A 138 -2.27 -12.89 8.06
N THR A 139 -2.68 -14.05 7.54
CA THR A 139 -3.34 -15.10 8.37
C THR A 139 -2.48 -16.37 8.43
N ALA A 140 -1.18 -16.28 8.15
CA ALA A 140 -0.30 -17.46 8.13
C ALA A 140 -0.10 -18.05 9.53
N GLY A 141 -0.38 -17.30 10.60
CA GLY A 141 -0.33 -17.84 11.97
C GLY A 141 0.65 -17.13 12.88
N GLY A 142 0.76 -15.79 12.76
CA GLY A 142 1.50 -14.93 13.69
C GLY A 142 2.88 -14.48 13.22
N LEU A 143 3.18 -14.52 11.93
CA LEU A 143 4.35 -13.80 11.37
C LEU A 143 4.21 -12.36 11.86
N PRO A 144 5.29 -11.80 12.41
CA PRO A 144 5.27 -10.55 13.15
C PRO A 144 5.20 -9.34 12.22
N LEU A 145 4.96 -8.16 12.81
CA LEU A 145 4.85 -6.90 12.04
C LEU A 145 6.10 -6.72 11.16
N GLN A 146 7.26 -6.85 11.79
CA GLN A 146 8.57 -6.62 11.12
C GLN A 146 9.40 -7.88 11.28
N PHE A 147 10.32 -8.07 10.35
CA PHE A 147 11.48 -8.94 10.59
C PHE A 147 12.18 -8.44 11.85
N PRO A 148 12.68 -9.33 12.71
CA PRO A 148 13.51 -8.90 13.83
C PRO A 148 14.77 -8.17 13.34
N ASP A 149 15.31 -7.28 14.19
CA ASP A 149 16.50 -6.45 13.89
C ASP A 149 17.66 -7.34 13.43
N SER A 150 17.73 -8.58 13.93
CA SER A 150 18.85 -9.49 13.59
C SER A 150 18.80 -9.89 12.11
N VAL A 151 17.67 -9.71 11.40
CA VAL A 151 17.58 -10.11 9.97
C VAL A 151 17.88 -8.91 9.08
N GLN A 152 18.99 -8.98 8.34
CA GLN A 152 19.47 -7.91 7.45
C GLN A 152 18.93 -8.24 6.07
N LYS A 153 19.05 -7.27 5.15
CA LYS A 153 18.71 -7.48 3.73
C LYS A 153 19.78 -8.39 3.15
N ASP A 154 19.59 -9.69 3.30
CA ASP A 154 20.53 -10.75 2.88
C ASP A 154 19.68 -12.00 2.63
N GLN A 155 19.79 -12.55 1.44
CA GLN A 155 19.01 -13.72 0.94
C GLN A 155 19.09 -14.88 1.96
N ALA A 156 20.29 -15.21 2.45
CA ALA A 156 20.49 -16.36 3.36
C ALA A 156 19.81 -16.11 4.71
N GLN A 157 19.94 -14.91 5.29
CA GLN A 157 19.32 -14.57 6.58
C GLN A 157 17.81 -14.68 6.45
N ILE A 158 17.27 -14.22 5.33
CA ILE A 158 15.80 -14.22 5.10
C ILE A 158 15.33 -15.68 4.96
N ARG A 159 16.00 -16.47 4.13
CA ARG A 159 15.76 -17.94 3.97
C ARG A 159 15.79 -18.61 5.36
N ASP A 160 16.82 -18.33 6.20
CA ASP A 160 17.02 -19.02 7.51
C ASP A 160 15.90 -18.60 8.48
N TYR A 161 15.49 -17.32 8.40
CA TYR A 161 14.37 -16.80 9.21
C TYR A 161 13.12 -17.63 8.93
N TYR A 162 12.70 -17.72 7.67
CA TYR A 162 11.47 -18.44 7.31
C TYR A 162 11.62 -19.93 7.61
N ARG A 163 12.78 -20.52 7.37
CA ARG A 163 12.98 -21.98 7.61
C ARG A 163 12.71 -22.29 9.09
N GLN A 164 13.06 -21.40 10.02
CA GLN A 164 13.04 -21.71 11.47
C GLN A 164 11.71 -21.26 12.09
N TRP A 165 10.90 -20.51 11.34
CA TRP A 165 9.64 -19.91 11.85
C TRP A 165 8.59 -21.00 12.15
N GLN A 166 7.88 -20.84 13.29
CA GLN A 166 6.76 -21.72 13.70
C GLN A 166 5.54 -20.87 13.98
N PRO A 167 4.36 -21.20 13.42
CA PRO A 167 3.11 -20.51 13.77
C PRO A 167 2.78 -20.52 15.27
N THR A 168 2.21 -19.42 15.72
CA THR A 168 1.67 -19.30 17.10
C THR A 168 0.24 -19.85 17.15
N TYR A 169 -0.49 -19.79 16.03
CA TYR A 169 -1.85 -20.37 15.92
C TYR A 169 -2.08 -20.88 14.51
N ALA A 170 -3.26 -21.49 14.32
CA ALA A 170 -3.62 -22.21 13.09
C ALA A 170 -3.57 -21.19 11.96
N PRO A 171 -3.00 -21.57 10.81
CA PRO A 171 -3.16 -20.78 9.60
C PRO A 171 -4.64 -20.55 9.33
N GLY A 172 -4.97 -19.36 8.90
CA GLY A 172 -6.30 -19.04 8.38
C GLY A 172 -7.25 -18.58 9.47
N SER A 173 -6.80 -18.36 10.70
CA SER A 173 -7.70 -18.06 11.87
C SER A 173 -7.57 -16.63 12.39
N GLN A 174 -6.38 -16.06 12.40
CA GLN A 174 -6.10 -14.74 13.03
C GLN A 174 -5.31 -13.85 12.08
N ARG A 175 -5.78 -12.62 11.90
CA ARG A 175 -5.07 -11.63 11.08
C ARG A 175 -4.08 -10.90 11.98
N LEU A 176 -2.80 -10.96 11.64
CA LEU A 176 -1.76 -10.13 12.29
C LEU A 176 -1.00 -9.42 11.18
N TYR A 177 -1.20 -8.11 11.07
CA TYR A 177 -0.56 -7.28 10.03
C TYR A 177 0.94 -7.55 10.00
N SER A 178 1.53 -7.82 8.83
CA SER A 178 2.89 -8.39 8.84
C SER A 178 3.62 -8.14 7.53
N ASN A 179 4.76 -7.47 7.62
CA ASN A 179 5.70 -7.29 6.48
C ASN A 179 6.26 -8.64 6.03
N PRO A 180 6.85 -9.46 6.93
CA PRO A 180 7.35 -10.76 6.50
C PRO A 180 6.28 -11.57 5.76
N SER A 181 4.99 -11.47 6.16
CA SER A 181 3.89 -12.25 5.54
C SER A 181 3.66 -11.80 4.08
N ILE A 182 3.27 -10.55 3.86
CA ILE A 182 2.95 -10.11 2.47
C ILE A 182 4.27 -10.00 1.69
N GLY A 183 5.40 -9.74 2.37
CA GLY A 183 6.73 -9.71 1.73
C GLY A 183 7.03 -11.04 1.06
N LEU A 184 6.86 -12.14 1.79
CA LEU A 184 7.09 -13.49 1.24
C LEU A 184 6.10 -13.73 0.11
N PHE A 185 4.84 -13.35 0.28
CA PHE A 185 3.84 -13.49 -0.80
C PHE A 185 4.34 -12.83 -2.09
N GLY A 186 4.88 -11.62 -2.03
CA GLY A 186 5.35 -10.96 -3.27
C GLY A 186 6.60 -11.62 -3.80
N TYR A 187 7.48 -12.11 -2.92
CA TYR A 187 8.76 -12.75 -3.33
C TYR A 187 8.41 -14.04 -4.10
N LEU A 188 7.48 -14.84 -3.55
CA LEU A 188 7.02 -16.13 -4.15
C LEU A 188 6.30 -15.83 -5.48
N ALA A 189 5.47 -14.79 -5.54
CA ALA A 189 4.85 -14.39 -6.82
C ALA A 189 5.96 -14.16 -7.87
N ALA A 190 7.01 -13.42 -7.49
CA ALA A 190 8.14 -13.11 -8.41
C ALA A 190 8.86 -14.40 -8.83
N ARG A 191 9.14 -15.30 -7.88
CA ARG A 191 9.77 -16.60 -8.20
C ARG A 191 8.87 -17.36 -9.19
N SER A 192 7.56 -17.33 -9.00
CA SER A 192 6.59 -18.03 -9.89
C SER A 192 6.72 -17.49 -11.32
N LEU A 193 7.16 -16.23 -11.47
CA LEU A 193 7.32 -15.59 -12.80
C LEU A 193 8.75 -15.77 -13.33
N GLY A 194 9.62 -16.41 -12.55
CA GLY A 194 11.03 -16.71 -12.89
C GLY A 194 11.93 -15.48 -12.90
N GLN A 195 11.61 -14.42 -12.16
CA GLN A 195 12.52 -13.24 -12.14
C GLN A 195 12.52 -12.61 -10.75
N PRO A 196 13.55 -11.83 -10.40
CA PRO A 196 13.52 -11.07 -9.16
C PRO A 196 12.37 -10.05 -9.07
N PHE A 197 11.91 -9.83 -7.84
CA PHE A 197 10.73 -9.00 -7.56
C PHE A 197 10.99 -7.60 -8.12
N GLU A 198 12.13 -7.03 -7.77
CA GLU A 198 12.46 -5.62 -8.08
C GLU A 198 12.59 -5.44 -9.60
N ARG A 199 13.17 -6.42 -10.31
CA ARG A 199 13.27 -6.38 -11.80
C ARG A 199 11.87 -6.38 -12.42
N LEU A 200 11.00 -7.29 -11.98
CA LEU A 200 9.60 -7.37 -12.50
C LEU A 200 8.90 -6.03 -12.29
N MET A 201 9.09 -5.40 -11.12
CA MET A 201 8.37 -4.14 -10.82
C MET A 201 8.85 -3.07 -11.79
N GLU A 202 10.17 -2.89 -11.97
CA GLU A 202 10.73 -1.81 -12.83
C GLU A 202 10.51 -2.12 -14.31
N GLN A 203 10.65 -3.39 -14.71
CA GLN A 203 10.72 -3.74 -16.16
C GLN A 203 9.31 -4.03 -16.70
N GLN A 204 8.38 -4.49 -15.85
CA GLN A 204 7.05 -4.94 -16.31
C GLN A 204 5.92 -4.14 -15.65
N VAL A 205 5.85 -4.10 -14.33
CA VAL A 205 4.62 -3.58 -13.67
C VAL A 205 4.50 -2.06 -13.87
N PHE A 206 5.54 -1.29 -13.54
CA PHE A 206 5.44 0.17 -13.62
C PHE A 206 5.18 0.59 -15.06
N PRO A 207 5.90 0.09 -16.09
CA PRO A 207 5.60 0.45 -17.47
C PRO A 207 4.18 0.06 -17.92
N ALA A 208 3.68 -1.11 -17.52
CA ALA A 208 2.32 -1.57 -17.88
C ALA A 208 1.29 -0.62 -17.29
N LEU A 209 1.61 0.02 -16.15
CA LEU A 209 0.67 0.94 -15.45
C LEU A 209 0.90 2.38 -15.91
N GLY A 210 1.86 2.66 -16.80
CA GLY A 210 2.16 4.01 -17.28
C GLY A 210 2.86 4.87 -16.24
N LEU A 211 3.63 4.26 -15.34
CA LEU A 211 4.22 4.95 -14.17
C LEU A 211 5.71 5.19 -14.42
N GLU A 212 6.09 6.41 -14.77
CA GLU A 212 7.50 6.78 -15.05
C GLU A 212 8.09 7.63 -13.91
N GLN A 213 7.31 7.93 -12.86
CA GLN A 213 7.81 8.67 -11.65
C GLN A 213 7.63 7.80 -10.40
N THR A 214 7.68 6.47 -10.56
CA THR A 214 7.46 5.48 -9.47
C THR A 214 8.68 4.57 -9.40
N HIS A 215 9.31 4.42 -8.24
CA HIS A 215 10.65 3.81 -8.13
C HIS A 215 10.69 2.90 -6.91
N LEU A 216 11.47 1.83 -7.00
CA LEU A 216 11.93 1.13 -5.78
C LEU A 216 13.29 1.66 -5.36
N ASP A 217 14.08 2.03 -6.37
CA ASP A 217 15.47 2.51 -6.24
C ASP A 217 15.54 3.82 -7.04
N VAL A 218 15.51 4.97 -6.38
CA VAL A 218 15.30 6.25 -7.12
C VAL A 218 16.54 6.50 -7.97
N PRO A 219 16.42 6.72 -9.28
CA PRO A 219 17.59 7.00 -10.12
C PRO A 219 18.29 8.27 -9.61
N GLU A 220 19.60 8.34 -9.82
CA GLU A 220 20.43 9.55 -9.55
C GLU A 220 19.80 10.77 -10.20
N ALA A 221 19.27 10.63 -11.41
CA ALA A 221 18.77 11.80 -12.18
C ALA A 221 17.45 12.30 -11.58
N ALA A 222 16.76 11.50 -10.77
CA ALA A 222 15.47 11.89 -10.15
C ALA A 222 15.63 12.25 -8.68
N LEU A 223 16.84 12.22 -8.10
CA LEU A 223 17.05 12.45 -6.64
C LEU A 223 16.62 13.85 -6.21
N ALA A 224 16.64 14.83 -7.12
CA ALA A 224 16.27 16.23 -6.84
C ALA A 224 14.78 16.31 -6.46
N GLN A 225 13.96 15.34 -6.93
CA GLN A 225 12.51 15.30 -6.65
C GLN A 225 12.18 14.60 -5.32
N TYR A 226 13.14 13.93 -4.68
CA TYR A 226 12.90 13.07 -3.49
C TYR A 226 12.79 13.98 -2.27
N ALA A 227 11.61 14.05 -1.69
CA ALA A 227 11.37 14.84 -0.49
C ALA A 227 12.23 14.30 0.67
N GLN A 228 12.59 15.20 1.59
CA GLN A 228 13.15 14.83 2.90
C GLN A 228 12.01 14.35 3.81
N GLY A 229 12.22 13.26 4.55
CA GLY A 229 11.31 12.86 5.62
C GLY A 229 11.72 13.51 6.91
N TYR A 230 10.79 13.78 7.81
CA TYR A 230 11.07 14.39 9.13
C TYR A 230 10.44 13.53 10.25
N GLY A 231 11.22 13.20 11.29
CA GLY A 231 10.72 12.59 12.54
C GLY A 231 10.85 13.52 13.74
N LYS A 232 10.95 12.91 14.94
CA LYS A 232 11.10 13.63 16.24
C LYS A 232 12.29 14.59 16.18
N ASP A 233 12.07 15.84 16.58
CA ASP A 233 13.06 16.95 16.57
C ASP A 233 13.43 17.28 15.13
N ASP A 234 12.56 16.94 14.19
CA ASP A 234 12.78 17.15 12.74
C ASP A 234 14.05 16.45 12.28
N ARG A 235 14.41 15.30 12.86
CA ARG A 235 15.56 14.54 12.33
C ARG A 235 15.17 14.04 10.93
N PRO A 236 16.12 14.16 9.98
CA PRO A 236 15.87 13.79 8.59
C PRO A 236 15.89 12.26 8.45
N LEU A 237 14.91 11.73 7.74
CA LEU A 237 14.69 10.25 7.70
C LEU A 237 14.31 9.88 6.27
N ARG A 238 15.20 9.22 5.55
CA ARG A 238 14.80 8.52 4.30
C ARG A 238 15.00 7.04 4.60
N VAL A 239 14.17 6.17 4.04
CA VAL A 239 14.17 4.74 4.44
C VAL A 239 15.48 4.08 4.01
N GLY A 240 16.10 3.35 4.96
CA GLY A 240 17.27 2.50 4.73
C GLY A 240 16.89 1.08 4.26
N PRO A 241 17.88 0.31 3.82
CA PRO A 241 17.65 -1.04 3.31
C PRO A 241 17.13 -1.97 4.41
N GLY A 242 16.29 -2.92 4.02
CA GLY A 242 15.78 -3.95 4.92
C GLY A 242 15.30 -5.15 4.13
N PRO A 243 15.21 -6.30 4.82
CA PRO A 243 14.74 -7.55 4.23
C PRO A 243 13.32 -7.41 3.65
N LEU A 244 13.19 -7.77 2.38
CA LEU A 244 11.98 -7.66 1.54
C LEU A 244 11.42 -6.24 1.63
N ASP A 245 12.29 -5.25 1.69
CA ASP A 245 11.86 -3.85 1.72
C ASP A 245 10.99 -3.56 0.50
N ALA A 246 11.42 -3.98 -0.70
CA ALA A 246 10.74 -3.58 -1.95
C ALA A 246 9.27 -4.04 -1.84
N GLU A 247 9.09 -5.27 -1.35
CA GLU A 247 7.78 -5.94 -1.31
C GLU A 247 6.89 -5.23 -0.29
N GLY A 248 7.47 -4.84 0.85
CA GLY A 248 6.65 -4.41 2.00
C GLY A 248 6.39 -2.90 2.01
N TYR A 249 7.41 -2.12 1.64
CA TYR A 249 7.40 -0.67 1.95
C TYR A 249 8.36 0.14 1.09
N GLY A 250 8.76 -0.34 -0.07
CA GLY A 250 9.92 0.22 -0.80
C GLY A 250 9.57 1.31 -1.82
N VAL A 251 8.31 1.55 -2.13
CA VAL A 251 7.98 2.45 -3.27
C VAL A 251 8.19 3.92 -2.89
N LYS A 252 8.77 4.68 -3.80
CA LYS A 252 8.74 6.16 -3.83
C LYS A 252 8.06 6.61 -5.12
N THR A 253 7.11 7.51 -4.99
CA THR A 253 6.32 7.98 -6.14
C THR A 253 5.82 9.39 -5.87
N SER A 254 5.29 10.04 -6.90
CA SER A 254 4.71 11.37 -6.83
C SER A 254 3.20 11.22 -6.62
N ALA A 255 2.51 12.31 -6.27
CA ALA A 255 1.04 12.32 -6.16
C ALA A 255 0.46 12.07 -7.55
N ALA A 256 1.06 12.65 -8.61
CA ALA A 256 0.59 12.48 -10.01
C ALA A 256 0.61 10.99 -10.38
N ASP A 257 1.75 10.32 -10.17
CA ASP A 257 1.86 8.85 -10.48
C ASP A 257 0.95 8.03 -9.59
N LEU A 258 0.87 8.30 -8.27
CA LEU A 258 0.04 7.44 -7.42
C LEU A 258 -1.42 7.61 -7.85
N LEU A 259 -1.83 8.80 -8.31
CA LEU A 259 -3.23 8.98 -8.79
C LEU A 259 -3.42 8.21 -10.11
N ARG A 260 -2.38 8.09 -10.95
CA ARG A 260 -2.49 7.24 -12.16
C ARG A 260 -2.79 5.80 -11.76
N PHE A 261 -2.12 5.31 -10.70
CA PHE A 261 -2.30 3.94 -10.18
C PHE A 261 -3.74 3.81 -9.68
N VAL A 262 -4.21 4.84 -8.98
CA VAL A 262 -5.61 4.85 -8.49
C VAL A 262 -6.58 4.79 -9.68
N ASP A 263 -6.30 5.54 -10.76
CA ASP A 263 -7.17 5.56 -11.97
C ASP A 263 -7.16 4.20 -12.67
N ALA A 264 -6.00 3.54 -12.73
CA ALA A 264 -5.91 2.14 -13.22
C ALA A 264 -6.80 1.25 -12.33
N ASN A 265 -6.76 1.41 -11.00
CA ASN A 265 -7.61 0.62 -10.07
C ASN A 265 -9.10 0.91 -10.32
N LEU A 266 -9.46 2.15 -10.66
CA LEU A 266 -10.88 2.54 -10.91
C LEU A 266 -11.30 2.02 -12.30
N HIS A 267 -10.38 1.88 -13.24
CA HIS A 267 -10.69 1.46 -14.63
C HIS A 267 -9.70 0.40 -15.09
N PRO A 268 -9.71 -0.83 -14.54
CA PRO A 268 -8.77 -1.86 -14.96
C PRO A 268 -8.99 -2.19 -16.45
N GLU A 269 -10.22 -2.01 -16.93
CA GLU A 269 -10.59 -2.37 -18.34
C GLU A 269 -9.83 -1.53 -19.36
N ARG A 270 -9.22 -0.40 -18.97
CA ARG A 270 -8.44 0.44 -19.91
C ARG A 270 -7.04 -0.12 -20.14
N LEU A 271 -6.59 -1.11 -19.34
CA LEU A 271 -5.25 -1.70 -19.47
C LEU A 271 -5.30 -2.94 -20.37
N ASP A 272 -4.16 -3.35 -20.93
CA ASP A 272 -4.05 -4.61 -21.69
C ASP A 272 -4.49 -5.74 -20.75
N ARG A 273 -5.10 -6.78 -21.31
CA ARG A 273 -6.01 -7.70 -20.57
C ARG A 273 -5.35 -8.32 -19.34
N PRO A 274 -4.08 -8.78 -19.43
CA PRO A 274 -3.43 -9.47 -18.31
C PRO A 274 -3.26 -8.52 -17.11
N TRP A 275 -3.00 -7.24 -17.35
CA TRP A 275 -2.85 -6.21 -16.28
C TRP A 275 -4.23 -5.85 -15.72
N ALA A 276 -5.26 -5.80 -16.57
CA ALA A 276 -6.66 -5.62 -16.14
C ALA A 276 -6.97 -6.70 -15.11
N GLN A 277 -6.64 -7.94 -15.42
CA GLN A 277 -6.92 -9.09 -14.53
C GLN A 277 -6.10 -8.97 -13.25
N ALA A 278 -4.84 -8.56 -13.40
CA ALA A 278 -3.95 -8.36 -12.23
C ALA A 278 -4.59 -7.35 -11.26
N LEU A 279 -5.11 -6.24 -11.76
CA LEU A 279 -5.71 -5.22 -10.88
C LEU A 279 -7.01 -5.79 -10.30
N ASP A 280 -7.82 -6.52 -11.08
CA ASP A 280 -9.11 -7.09 -10.55
C ASP A 280 -8.84 -8.05 -9.37
N ALA A 281 -7.70 -8.73 -9.38
CA ALA A 281 -7.35 -9.71 -8.34
C ALA A 281 -7.16 -8.98 -7.00
N THR A 282 -6.87 -7.67 -7.04
CA THR A 282 -6.66 -6.85 -5.82
C THR A 282 -8.01 -6.31 -5.30
N HIS A 283 -9.08 -6.57 -6.05
CA HIS A 283 -10.45 -6.11 -5.67
C HIS A 283 -11.36 -7.30 -5.26
N ARG A 284 -10.84 -8.24 -4.49
CA ARG A 284 -11.55 -9.46 -4.02
C ARG A 284 -11.33 -9.58 -2.51
N GLY A 285 -12.42 -9.54 -1.75
CA GLY A 285 -12.37 -9.65 -0.28
C GLY A 285 -12.47 -11.09 0.16
N TYR A 286 -11.68 -11.49 1.16
CA TYR A 286 -11.61 -12.90 1.62
C TYR A 286 -12.20 -13.08 3.02
N TYR A 287 -12.17 -12.04 3.84
CA TYR A 287 -12.64 -12.10 5.24
C TYR A 287 -12.82 -10.69 5.80
N LYS A 288 -13.59 -10.59 6.87
CA LYS A 288 -13.88 -9.33 7.57
C LYS A 288 -13.22 -9.38 8.95
N VAL A 289 -12.77 -8.20 9.35
CA VAL A 289 -12.42 -7.90 10.77
C VAL A 289 -13.13 -6.58 11.09
N GLY A 290 -14.12 -6.62 11.99
CA GLY A 290 -14.96 -5.44 12.24
C GLY A 290 -15.60 -4.94 10.96
N ASP A 291 -15.38 -3.67 10.65
CA ASP A 291 -16.01 -3.03 9.47
C ASP A 291 -15.13 -3.24 8.22
N MET A 292 -13.97 -3.87 8.39
CA MET A 292 -12.96 -3.96 7.27
C MET A 292 -13.07 -5.31 6.54
N THR A 293 -13.07 -5.28 5.21
CA THR A 293 -12.99 -6.49 4.37
C THR A 293 -11.60 -6.50 3.72
N GLN A 294 -10.85 -7.56 3.96
CA GLN A 294 -9.40 -7.70 3.57
C GLN A 294 -9.34 -8.25 2.16
N GLY A 295 -8.71 -7.49 1.25
CA GLY A 295 -8.33 -8.00 -0.08
C GLY A 295 -6.85 -8.19 -0.18
N LEU A 296 -6.34 -8.35 -1.40
CA LEU A 296 -4.89 -8.44 -1.62
C LEU A 296 -4.38 -7.00 -1.67
N GLY A 297 -3.67 -6.58 -0.62
CA GLY A 297 -3.24 -5.17 -0.53
C GLY A 297 -4.35 -4.27 0.02
N TRP A 298 -5.43 -4.08 -0.74
CA TRP A 298 -6.53 -3.15 -0.40
C TRP A 298 -7.36 -3.69 0.77
N GLU A 299 -7.80 -2.74 1.59
CA GLU A 299 -8.75 -2.95 2.72
C GLU A 299 -10.00 -2.13 2.40
N ALA A 300 -11.20 -2.70 2.58
CA ALA A 300 -12.46 -2.14 2.07
C ALA A 300 -13.43 -1.96 3.23
N TYR A 301 -14.25 -0.94 3.08
CA TYR A 301 -15.36 -0.56 3.99
C TYR A 301 -16.61 -0.32 3.15
N ASP A 302 -17.78 -0.50 3.77
CA ASP A 302 -19.00 0.03 3.15
C ASP A 302 -18.91 1.56 3.09
N TRP A 303 -19.55 2.15 2.09
CA TRP A 303 -19.56 3.62 1.88
C TRP A 303 -21.00 4.05 1.58
N PRO A 304 -21.61 4.95 2.38
CA PRO A 304 -20.92 5.65 3.46
C PRO A 304 -20.74 4.86 4.78
N ILE A 305 -19.84 5.37 5.63
CA ILE A 305 -19.56 4.85 7.00
C ILE A 305 -19.05 6.06 7.78
N SER A 306 -19.21 6.07 9.10
CA SER A 306 -18.75 7.24 9.89
C SER A 306 -17.23 7.39 9.77
N LEU A 307 -16.76 8.60 10.01
CA LEU A 307 -15.31 8.86 10.12
C LEU A 307 -14.76 8.00 11.27
N LYS A 308 -15.40 7.98 12.43
CA LYS A 308 -14.88 7.23 13.60
C LYS A 308 -14.67 5.75 13.26
N ARG A 309 -15.55 5.16 12.47
CA ARG A 309 -15.41 3.73 12.09
C ARG A 309 -14.25 3.56 11.09
N LEU A 310 -14.06 4.48 10.16
CA LEU A 310 -12.94 4.38 9.20
C LEU A 310 -11.63 4.60 9.93
N GLN A 311 -11.57 5.52 10.92
CA GLN A 311 -10.36 5.72 11.74
C GLN A 311 -10.07 4.42 12.52
N ALA A 312 -11.06 3.80 13.16
CA ALA A 312 -10.91 2.56 13.95
C ALA A 312 -10.35 1.43 13.07
N GLY A 313 -10.80 1.28 11.82
CA GLY A 313 -10.29 0.24 10.91
C GLY A 313 -8.82 0.45 10.57
N ASN A 314 -8.34 1.71 10.65
CA ASN A 314 -6.95 2.10 10.32
C ASN A 314 -6.21 2.49 11.61
N SER A 315 -6.61 1.97 12.76
CA SER A 315 -6.05 2.36 14.07
C SER A 315 -4.85 1.50 14.46
N THR A 316 -4.12 1.93 15.49
CA THR A 316 -2.92 1.22 16.00
C THR A 316 -3.23 -0.23 16.35
N PRO A 317 -4.29 -0.56 17.13
CA PRO A 317 -4.63 -1.96 17.42
C PRO A 317 -4.80 -2.85 16.17
N MET A 318 -5.32 -2.27 15.08
CA MET A 318 -5.55 -3.03 13.82
C MET A 318 -4.19 -3.37 13.19
N ALA A 319 -3.20 -2.49 13.33
CA ALA A 319 -1.83 -2.73 12.86
C ALA A 319 -1.09 -3.71 13.79
N LEU A 320 -1.35 -3.69 15.10
CA LEU A 320 -0.37 -4.29 16.04
C LEU A 320 -0.89 -5.53 16.77
N GLN A 321 -2.20 -5.72 16.87
CA GLN A 321 -2.79 -6.85 17.62
C GLN A 321 -3.36 -7.86 16.63
N PRO A 322 -3.36 -9.15 16.99
CA PRO A 322 -4.07 -10.16 16.22
C PRO A 322 -5.59 -10.02 16.37
N HIS A 323 -6.33 -10.34 15.31
CA HIS A 323 -7.81 -10.29 15.30
C HIS A 323 -8.32 -11.57 14.63
N ARG A 324 -9.30 -12.24 15.26
CA ARG A 324 -9.91 -13.45 14.67
C ARG A 324 -10.67 -12.97 13.45
N ILE A 325 -10.62 -13.72 12.35
CA ILE A 325 -11.27 -13.27 11.09
C ILE A 325 -12.66 -13.88 11.03
N ALA A 326 -13.57 -13.23 10.31
CA ALA A 326 -14.84 -13.80 9.85
C ALA A 326 -14.71 -14.12 8.36
N ARG A 327 -14.42 -15.38 8.03
CA ARG A 327 -14.12 -15.79 6.65
C ARG A 327 -15.40 -15.66 5.83
N LEU A 328 -15.30 -15.18 4.59
CA LEU A 328 -16.48 -15.08 3.71
C LEU A 328 -16.71 -16.45 3.03
N PRO A 329 -17.98 -16.87 2.86
CA PRO A 329 -18.29 -18.12 2.19
C PRO A 329 -17.66 -18.21 0.79
N ALA A 330 -17.63 -17.09 0.06
CA ALA A 330 -16.96 -16.97 -1.26
C ALA A 330 -16.27 -15.60 -1.34
N PRO A 331 -15.15 -15.46 -2.07
CA PRO A 331 -14.54 -14.13 -2.22
C PRO A 331 -15.56 -13.10 -2.75
N GLN A 332 -15.60 -11.90 -2.16
CA GLN A 332 -16.58 -10.82 -2.51
C GLN A 332 -15.94 -9.77 -3.44
N ALA A 333 -16.62 -9.39 -4.51
CA ALA A 333 -16.22 -8.28 -5.41
C ALA A 333 -16.13 -7.00 -4.57
N LEU A 334 -14.96 -6.35 -4.56
CA LEU A 334 -14.80 -5.05 -3.85
C LEU A 334 -15.05 -3.94 -4.86
N GLU A 335 -16.33 -3.62 -5.07
CA GLU A 335 -16.77 -2.61 -6.05
C GLU A 335 -18.07 -1.96 -5.53
N GLY A 336 -18.66 -1.09 -6.33
CA GLY A 336 -19.90 -0.39 -5.94
C GLY A 336 -19.69 0.58 -4.77
N GLN A 337 -20.61 0.57 -3.81
CA GLN A 337 -20.68 1.52 -2.65
C GLN A 337 -19.68 1.05 -1.59
N ARG A 338 -18.40 1.08 -1.93
CA ARG A 338 -17.35 0.72 -0.97
C ARG A 338 -16.22 1.72 -1.12
N LEU A 339 -15.48 1.90 -0.03
CA LEU A 339 -14.23 2.66 0.00
C LEU A 339 -13.09 1.67 0.18
N LEU A 340 -12.19 1.59 -0.79
CA LEU A 340 -10.94 0.80 -0.71
C LEU A 340 -9.83 1.76 -0.31
N ASN A 341 -8.96 1.34 0.58
CA ASN A 341 -7.94 2.26 1.13
C ASN A 341 -6.70 1.46 1.52
N LYS A 342 -5.61 2.17 1.71
CA LYS A 342 -4.41 1.65 2.31
C LYS A 342 -3.62 2.83 2.94
N THR A 343 -3.19 2.65 4.17
CA THR A 343 -2.26 3.58 4.84
C THR A 343 -0.84 3.09 4.55
N GLY A 344 0.12 3.99 4.61
CA GLY A 344 1.52 3.60 4.49
C GLY A 344 2.39 4.56 5.27
N SER A 345 3.32 4.03 6.01
CA SER A 345 4.20 4.81 6.91
C SER A 345 5.64 4.32 6.74
N THR A 346 6.57 5.26 6.78
CA THR A 346 7.99 4.99 7.07
C THR A 346 8.35 5.89 8.26
N ASN A 347 9.60 5.86 8.73
CA ASN A 347 9.96 6.71 9.87
C ASN A 347 9.74 8.19 9.53
N GLY A 348 9.87 8.60 8.26
CA GLY A 348 9.80 10.02 7.88
C GLY A 348 8.56 10.43 7.12
N PHE A 349 7.70 9.48 6.71
CA PHE A 349 6.62 9.77 5.74
C PHE A 349 5.31 9.09 6.16
N GLY A 350 4.22 9.69 5.75
CA GLY A 350 2.85 9.26 6.06
C GLY A 350 1.99 9.40 4.82
N ALA A 351 1.52 8.28 4.27
CA ALA A 351 0.72 8.28 3.01
C ALA A 351 -0.65 7.65 3.27
N TYR A 352 -1.62 8.03 2.45
CA TYR A 352 -2.96 7.42 2.49
C TYR A 352 -3.50 7.48 1.07
N VAL A 353 -4.11 6.37 0.67
CA VAL A 353 -4.84 6.32 -0.63
C VAL A 353 -6.23 5.74 -0.38
N ALA A 354 -7.24 6.26 -1.04
CA ALA A 354 -8.61 5.75 -0.91
C ALA A 354 -9.34 5.97 -2.24
N PHE A 355 -10.17 5.02 -2.63
CA PHE A 355 -11.03 5.27 -3.82
C PHE A 355 -12.37 4.59 -3.60
N VAL A 356 -13.37 5.11 -4.30
CA VAL A 356 -14.77 4.60 -4.24
C VAL A 356 -15.15 4.14 -5.65
N PRO A 357 -15.05 2.83 -5.96
CA PRO A 357 -15.28 2.36 -7.33
C PRO A 357 -16.59 2.84 -7.93
N GLY A 358 -17.68 2.78 -7.14
CA GLY A 358 -19.07 3.05 -7.58
C GLY A 358 -19.28 4.54 -7.83
N ARG A 359 -18.36 5.41 -7.44
CA ARG A 359 -18.46 6.88 -7.64
C ARG A 359 -17.33 7.43 -8.50
N ASP A 360 -16.46 6.57 -9.05
CA ASP A 360 -15.35 7.00 -9.96
C ASP A 360 -14.56 8.13 -9.26
N LEU A 361 -14.23 7.93 -7.99
CA LEU A 361 -13.63 8.93 -7.04
C LEU A 361 -12.36 8.30 -6.50
N GLY A 362 -11.29 9.05 -6.54
CA GLY A 362 -9.97 8.60 -6.07
C GLY A 362 -9.25 9.71 -5.36
N LEU A 363 -8.41 9.35 -4.42
CA LEU A 363 -7.71 10.34 -3.57
CA LEU A 363 -7.74 10.32 -3.52
C LEU A 363 -6.37 9.79 -3.09
N VAL A 364 -5.35 10.65 -3.11
CA VAL A 364 -3.98 10.35 -2.69
C VAL A 364 -3.57 11.51 -1.78
N ILE A 365 -3.05 11.19 -0.59
CA ILE A 365 -2.51 12.18 0.37
C ILE A 365 -1.14 11.71 0.80
N LEU A 366 -0.09 12.41 0.34
CA LEU A 366 1.32 12.09 0.62
C LEU A 366 1.95 13.19 1.47
N ALA A 367 2.59 12.82 2.55
CA ALA A 367 3.20 13.78 3.49
C ALA A 367 4.59 13.33 3.88
N ASN A 368 5.45 14.29 4.24
CA ASN A 368 6.85 13.99 4.69
C ASN A 368 6.93 14.12 6.20
N ARG A 369 5.86 13.72 6.88
CA ARG A 369 5.93 13.28 8.30
C ARG A 369 5.09 12.02 8.51
N ASN A 370 5.52 11.13 9.40
CA ASN A 370 4.70 9.97 9.85
C ASN A 370 3.72 10.48 10.90
N TYR A 371 2.63 11.07 10.45
CA TYR A 371 1.54 11.61 11.28
C TYR A 371 0.44 10.58 11.42
N PRO A 372 -0.32 10.62 12.53
CA PRO A 372 -1.23 9.52 12.83
C PRO A 372 -2.21 9.17 11.71
N ASN A 373 -2.47 7.88 11.54
CA ASN A 373 -3.45 7.44 10.53
C ASN A 373 -4.80 8.11 10.75
N ALA A 374 -5.23 8.33 12.00
CA ALA A 374 -6.53 8.98 12.27
C ALA A 374 -6.62 10.34 11.56
N GLU A 375 -5.49 11.07 11.51
CA GLU A 375 -5.41 12.41 10.94
C GLU A 375 -5.43 12.33 9.41
N ARG A 376 -4.80 11.32 8.83
CA ARG A 376 -4.83 11.12 7.35
C ARG A 376 -6.27 10.82 6.92
N VAL A 377 -6.92 9.94 7.63
CA VAL A 377 -8.35 9.60 7.38
C VAL A 377 -9.22 10.86 7.56
N LYS A 378 -8.94 11.70 8.58
CA LYS A 378 -9.68 12.97 8.81
C LYS A 378 -9.65 13.86 7.56
N ILE A 379 -8.47 14.04 6.91
CA ILE A 379 -8.37 14.83 5.65
C ILE A 379 -9.24 14.17 4.59
N ALA A 380 -9.06 12.88 4.38
CA ALA A 380 -9.70 12.16 3.26
C ALA A 380 -11.19 12.27 3.44
N TYR A 381 -11.66 12.02 4.66
CA TYR A 381 -13.11 12.04 4.95
C TYR A 381 -13.74 13.38 4.60
N ALA A 382 -13.11 14.47 5.04
CA ALA A 382 -13.56 15.84 4.75
C ALA A 382 -13.63 16.03 3.24
N ILE A 383 -12.64 15.55 2.50
CA ILE A 383 -12.62 15.73 1.03
C ILE A 383 -13.76 14.89 0.44
N LEU A 384 -13.80 13.62 0.78
CA LEU A 384 -14.77 12.68 0.13
C LEU A 384 -16.19 13.09 0.45
N SER A 385 -16.45 13.62 1.66
CA SER A 385 -17.78 14.14 2.07
C SER A 385 -18.11 15.40 1.24
N GLY A 386 -17.19 16.37 1.21
CA GLY A 386 -17.29 17.58 0.37
C GLY A 386 -17.73 17.26 -1.05
N LEU A 387 -17.08 16.30 -1.70
CA LEU A 387 -17.50 15.74 -3.02
C LEU A 387 -18.74 14.86 -2.80
B07 KJK B . 3.56 -0.10 6.54
C10 KJK B . 2.41 0.18 8.59
C11 KJK B . 1.49 1.11 9.14
C12 KJK B . 0.42 1.75 8.28
C15 KJK B . 1.62 1.43 10.50
C16 KJK B . 2.61 0.85 11.28
C17 KJK B . 3.52 -0.04 10.72
C18 KJK B . 3.42 -0.38 9.37
C19 KJK B . 4.36 -1.35 8.71
C20 KJK B . 4.78 -0.81 7.35
C22 KJK B . 7.11 -0.30 7.92
C23 KJK B . 8.04 0.80 8.36
C24 KJK B . 9.54 0.62 8.05
C25 KJK B . 10.12 -0.64 8.72
C26 KJK B . 11.65 -0.74 8.57
C27 KJK B . 12.36 0.55 8.99
C29 KJK B . 14.63 0.18 9.94
C30 KJK B . 16.00 0.84 9.89
C32 KJK B . 11.78 1.74 8.24
C33 KJK B . 10.30 1.86 8.52
N21 KJK B . 5.93 0.08 7.45
N28 KJK B . 13.81 0.50 8.77
N31 KJK B . 17.09 -0.14 9.77
O08 KJK B . 3.82 1.24 6.17
O09 KJK B . 2.31 -0.15 7.27
O13 KJK B . -0.43 1.00 7.76
O14 KJK B . 0.49 2.99 8.07
O34 KJK B . 7.40 -1.48 8.08
#